data_3TBJ
#
_entry.id   3TBJ
#
_cell.length_a   78.457
_cell.length_b   78.457
_cell.length_c   103.708
_cell.angle_alpha   90.00
_cell.angle_beta   90.00
_cell.angle_gamma   120.00
#
_symmetry.space_group_name_H-M   'P 32 2 1'
#
loop_
_entity.id
_entity.type
_entity.pdbx_description
1 polymer Actibind
2 branched 2-acetamido-2-deoxy-beta-D-glucopyranose-(1-4)-2-acetamido-2-deoxy-beta-D-glucopyranose
3 non-polymer 2-acetamido-2-deoxy-beta-D-glucopyranose
4 non-polymer 'PHOSPHATE ION'
5 non-polymer 1,2-ETHANEDIOL
6 water water
#
_entity_poly.entity_id   1
_entity_poly.type   'polypeptide(L)'
_entity_poly.pdbx_seq_one_letter_code
;TIDTCSSDSPLSCQTDNEASCCFNSPGGSLLQTQFWDYDPSDGPSDSWTIHGLWPDNCDGTYQEYCDESREYSNITSILE
AQNRTELLSYMKEYWPDYEGADEDESFWEHEWNKHGTCINTIEPSCYTDYYAQEEVGDFFQQVVDLFKTLDSYTALSDAG
ITPSEDATYKLSDIEDALAAIHDGYPPYVGCEDGALSQLYYYFNVKGSAIGGTYVASERLEDSNCKDSGIKYPPKYS
;
_entity_poly.pdbx_strand_id   A
#
# COMPACT_ATOMS: atom_id res chain seq x y z
N THR A 1 -6.85 -19.66 10.07
CA THR A 1 -6.57 -18.43 9.27
C THR A 1 -7.02 -17.25 10.13
N ILE A 2 -6.98 -16.05 9.60
N ILE A 2 -7.10 -16.06 9.54
CA ILE A 2 -7.22 -14.88 10.44
CA ILE A 2 -7.36 -14.79 10.27
C ILE A 2 -8.68 -14.91 10.88
C ILE A 2 -8.75 -14.82 10.91
N ASP A 3 -8.88 -14.40 12.05
N ASP A 3 -8.86 -14.29 12.10
CA ASP A 3 -10.20 -14.21 12.52
CA ASP A 3 -10.17 -14.12 12.67
C ASP A 3 -10.96 -13.26 11.63
C ASP A 3 -11.00 -13.07 11.91
N THR A 4 -12.27 -13.39 11.70
CA THR A 4 -13.15 -12.61 10.91
C THR A 4 -13.90 -11.72 11.86
N CYS A 5 -14.24 -10.56 11.38
CA CYS A 5 -14.98 -9.60 12.13
C CYS A 5 -16.24 -9.26 11.35
N SER A 6 -17.23 -8.77 12.08
CA SER A 6 -18.48 -8.40 11.42
C SER A 6 -18.26 -7.30 10.36
N SER A 7 -19.01 -7.37 9.26
CA SER A 7 -18.92 -6.32 8.22
C SER A 7 -19.51 -4.99 8.69
N ASP A 8 -20.22 -4.99 9.81
N ASP A 8 -20.26 -5.04 9.82
CA ASP A 8 -20.59 -3.72 10.41
CA ASP A 8 -20.70 -3.85 10.59
C ASP A 8 -19.72 -3.39 11.66
C ASP A 8 -19.64 -3.23 11.55
N SER A 9 -18.45 -3.83 11.63
CA SER A 9 -17.47 -3.42 12.63
C SER A 9 -17.24 -1.92 12.54
N PRO A 10 -16.93 -1.26 13.66
CA PRO A 10 -16.74 0.17 13.60
C PRO A 10 -15.45 0.63 12.87
N LEU A 11 -15.60 1.72 12.13
CA LEU A 11 -14.56 2.25 11.32
C LEU A 11 -13.43 2.80 12.15
N SER A 12 -12.21 2.41 11.77
CA SER A 12 -11.03 2.92 12.45
C SER A 12 -10.94 4.47 12.18
N CYS A 13 -10.31 5.17 13.11
CA CYS A 13 -10.17 6.62 13.17
C CYS A 13 -11.47 7.44 13.32
N GLN A 14 -12.51 7.05 12.59
CA GLN A 14 -13.74 7.74 12.51
C GLN A 14 -14.58 7.41 13.70
N THR A 15 -14.24 6.38 14.48
CA THR A 15 -14.96 6.08 15.71
C THR A 15 -14.00 5.97 16.89
N ASP A 16 -14.54 5.93 18.08
N ASP A 16 -14.55 6.05 18.09
CA ASP A 16 -13.76 5.87 19.27
CA ASP A 16 -13.79 5.87 19.32
C ASP A 16 -13.93 4.43 19.86
C ASP A 16 -14.00 4.39 19.69
N ASN A 17 -12.97 3.57 19.60
CA ASN A 17 -13.03 2.19 20.10
C ASN A 17 -11.68 1.69 20.54
N GLU A 18 -11.70 0.55 21.24
CA GLU A 18 -10.51 -0.01 21.83
C GLU A 18 -9.81 -1.00 20.92
N ALA A 19 -8.51 -0.80 20.76
CA ALA A 19 -7.64 -1.66 19.96
C ALA A 19 -7.86 -3.13 20.28
N SER A 20 -8.00 -3.93 19.23
CA SER A 20 -8.27 -5.35 19.36
C SER A 20 -8.00 -5.94 18.00
N CYS A 21 -8.15 -7.26 17.91
CA CYS A 21 -8.08 -7.90 16.60
C CYS A 21 -9.13 -7.43 15.57
N CYS A 22 -10.21 -6.80 16.00
CA CYS A 22 -11.19 -6.27 15.11
C CYS A 22 -11.27 -4.70 15.07
N PHE A 23 -10.21 -4.05 15.53
CA PHE A 23 -10.14 -2.57 15.50
C PHE A 23 -8.70 -2.11 15.31
N ASN A 24 -8.39 -1.56 14.11
CA ASN A 24 -7.08 -1.00 13.87
C ASN A 24 -6.83 0.30 14.59
N SER A 25 -5.92 0.24 15.57
CA SER A 25 -5.65 1.38 16.49
C SER A 25 -4.36 1.05 17.15
N PRO A 26 -3.48 2.05 17.32
CA PRO A 26 -3.62 3.44 16.96
C PRO A 26 -3.47 3.71 15.44
N GLY A 27 -2.98 2.71 14.74
CA GLY A 27 -2.76 2.74 13.26
C GLY A 27 -4.04 2.49 12.48
N GLY A 28 -4.94 3.45 12.56
CA GLY A 28 -6.28 3.35 11.96
C GLY A 28 -6.39 3.92 10.56
N SER A 29 -5.36 4.63 10.12
CA SER A 29 -5.36 5.20 8.75
C SER A 29 -4.42 4.35 7.97
N LEU A 30 -4.93 3.57 7.06
CA LEU A 30 -4.10 2.64 6.28
C LEU A 30 -3.84 3.22 4.87
N LEU A 31 -2.57 3.32 4.49
CA LEU A 31 -2.11 3.98 3.27
C LEU A 31 -1.59 2.92 2.30
N GLN A 32 -2.29 2.77 1.19
CA GLN A 32 -1.79 1.94 0.12
C GLN A 32 -1.00 2.87 -0.76
N THR A 33 0.30 2.63 -0.81
CA THR A 33 1.23 3.56 -1.50
C THR A 33 1.81 2.93 -2.76
N GLN A 34 2.09 3.75 -3.75
CA GLN A 34 2.51 3.37 -5.08
C GLN A 34 3.65 4.24 -5.60
N PHE A 35 4.38 3.72 -6.56
CA PHE A 35 5.45 4.43 -7.19
C PHE A 35 5.27 4.45 -8.70
N TRP A 36 5.80 5.49 -9.33
CA TRP A 36 5.98 5.60 -10.77
C TRP A 36 7.49 5.71 -10.95
N ASP A 37 8.16 4.59 -11.27
CA ASP A 37 9.61 4.54 -11.32
C ASP A 37 10.00 4.63 -12.81
N TYR A 38 10.57 5.78 -13.21
CA TYR A 38 10.93 6.05 -14.62
C TYR A 38 12.39 6.06 -14.90
N ASP A 39 13.24 6.37 -13.90
CA ASP A 39 14.66 6.35 -14.15
C ASP A 39 15.43 5.91 -12.92
N PRO A 40 15.76 4.63 -12.85
CA PRO A 40 15.39 3.59 -13.82
C PRO A 40 13.90 3.20 -13.75
N SER A 41 13.41 2.72 -14.88
CA SER A 41 12.07 2.23 -15.03
C SER A 41 11.93 0.75 -14.52
N ASP A 42 10.74 0.43 -13.98
CA ASP A 42 10.40 -0.97 -13.61
C ASP A 42 8.90 -1.14 -13.88
N GLY A 43 8.51 -2.39 -13.85
CA GLY A 43 7.09 -2.74 -14.00
C GLY A 43 6.65 -2.52 -15.41
N PRO A 44 5.34 -2.71 -15.65
CA PRO A 44 4.85 -2.51 -17.00
C PRO A 44 4.92 -0.99 -17.38
N SER A 45 5.05 -0.67 -18.68
N SER A 45 5.07 -0.69 -18.67
CA SER A 45 5.10 0.67 -19.15
CA SER A 45 5.06 0.69 -19.16
C SER A 45 3.83 1.45 -18.85
C SER A 45 3.85 1.45 -18.67
N ASP A 46 2.73 0.75 -18.58
CA ASP A 46 1.43 1.36 -18.34
C ASP A 46 0.84 0.92 -17.02
N SER A 47 1.68 0.74 -15.99
CA SER A 47 1.20 0.53 -14.64
C SER A 47 2.13 1.14 -13.66
N TRP A 48 1.57 1.68 -12.58
CA TRP A 48 2.33 2.04 -11.43
C TRP A 48 2.62 0.72 -10.73
N THR A 49 3.48 0.81 -9.71
CA THR A 49 3.87 -0.34 -8.91
C THR A 49 3.68 -0.10 -7.44
N ILE A 50 3.77 -1.14 -6.63
CA ILE A 50 3.53 -1.11 -5.22
C ILE A 50 4.73 -0.55 -4.48
N HIS A 51 4.46 0.34 -3.53
CA HIS A 51 5.46 0.73 -2.54
C HIS A 51 5.14 -0.12 -1.27
N GLY A 52 3.92 0.02 -0.71
CA GLY A 52 3.50 -0.78 0.46
C GLY A 52 2.08 -0.51 0.95
N LEU A 53 1.91 -0.83 2.24
CA LEU A 53 0.73 -0.63 3.04
C LEU A 53 1.17 -0.23 4.42
N TRP A 54 0.82 0.99 4.78
CA TRP A 54 1.32 1.59 6.02
C TRP A 54 0.21 1.95 6.96
N PRO A 55 0.34 1.57 8.24
CA PRO A 55 -0.58 2.06 9.26
C PRO A 55 -0.14 3.42 9.79
N ASP A 56 -0.86 4.50 9.54
CA ASP A 56 -0.58 5.74 10.20
C ASP A 56 -1.55 5.87 11.37
N ASN A 57 -1.11 6.63 12.39
CA ASN A 57 -1.98 7.19 13.37
C ASN A 57 -3.04 8.13 12.75
N CYS A 58 -4.14 8.32 13.46
CA CYS A 58 -5.25 9.12 12.95
C CYS A 58 -4.83 10.59 12.72
N ASP A 59 -3.80 11.05 13.42
CA ASP A 59 -3.30 12.41 13.27
C ASP A 59 -2.25 12.53 12.17
N GLY A 60 -1.93 11.47 11.45
CA GLY A 60 -0.88 11.51 10.45
C GLY A 60 0.54 11.20 10.91
N THR A 61 0.79 11.07 12.22
CA THR A 61 2.07 10.57 12.66
C THR A 61 2.08 9.07 12.38
N TYR A 62 3.16 8.38 12.66
CA TYR A 62 3.07 6.90 12.46
C TYR A 62 4.05 6.25 13.33
N GLN A 63 3.79 4.97 13.66
N GLN A 63 3.87 4.96 13.57
CA GLN A 63 4.75 4.11 14.36
CA GLN A 63 4.86 4.19 14.29
C GLN A 63 5.58 3.40 13.24
C GLN A 63 5.60 3.40 13.22
N GLU A 64 6.71 2.82 13.63
CA GLU A 64 7.59 2.09 12.72
C GLU A 64 8.32 1.02 13.50
N TYR A 65 8.57 -0.13 12.88
CA TYR A 65 9.40 -1.15 13.53
C TYR A 65 8.86 -1.58 14.87
N CYS A 66 7.61 -2.04 14.86
CA CYS A 66 6.86 -2.19 16.14
C CYS A 66 7.13 -3.52 16.84
N ASP A 67 7.77 -4.46 16.15
CA ASP A 67 7.99 -5.77 16.78
C ASP A 67 9.22 -6.48 16.31
N GLU A 68 10.34 -6.26 16.98
N GLU A 68 10.33 -6.24 17.01
CA GLU A 68 11.60 -6.86 16.59
CA GLU A 68 11.64 -6.83 16.72
C GLU A 68 11.52 -8.39 16.60
C GLU A 68 11.54 -8.36 16.64
N SER A 69 10.65 -8.94 17.44
CA SER A 69 10.53 -10.39 17.49
C SER A 69 9.87 -10.96 16.22
N ARG A 70 9.24 -10.11 15.42
CA ARG A 70 8.62 -10.57 14.16
C ARG A 70 9.20 -9.80 12.96
N GLU A 71 10.47 -9.44 13.04
CA GLU A 71 11.21 -8.92 11.89
C GLU A 71 12.01 -10.04 11.25
N TYR A 72 12.04 -10.04 9.93
CA TYR A 72 12.60 -11.12 9.14
C TYR A 72 13.56 -10.71 8.06
N SER A 73 14.47 -11.64 7.70
N SER A 73 14.41 -11.66 7.68
CA SER A 73 15.39 -11.43 6.58
CA SER A 73 15.39 -11.45 6.64
C SER A 73 15.19 -12.49 5.53
C SER A 73 15.20 -12.51 5.57
N ASN A 74 13.98 -13.02 5.45
CA ASN A 74 13.72 -14.16 4.54
C ASN A 74 12.31 -14.20 4.05
N ILE A 75 11.85 -13.05 3.56
CA ILE A 75 10.47 -12.96 3.07
C ILE A 75 10.21 -13.88 1.91
N THR A 76 11.15 -13.97 0.95
CA THR A 76 10.96 -14.81 -0.23
C THR A 76 10.83 -16.28 0.21
N SER A 77 11.66 -16.68 1.16
CA SER A 77 11.57 -18.05 1.68
C SER A 77 10.26 -18.33 2.41
N ILE A 78 9.78 -17.32 3.17
CA ILE A 78 8.49 -17.45 3.88
C ILE A 78 7.37 -17.61 2.88
N LEU A 79 7.35 -16.82 1.83
CA LEU A 79 6.30 -16.96 0.84
C LEU A 79 6.35 -18.32 0.09
N GLU A 80 7.52 -18.76 -0.27
CA GLU A 80 7.65 -20.10 -0.90
C GLU A 80 7.23 -21.25 -0.02
N ALA A 81 7.60 -21.22 1.27
CA ALA A 81 7.22 -22.27 2.22
C ALA A 81 5.69 -22.28 2.39
N GLN A 82 5.03 -21.17 2.16
CA GLN A 82 3.59 -21.06 2.30
C GLN A 82 2.90 -21.37 0.98
N ASN A 83 3.70 -21.74 -0.03
CA ASN A 83 3.17 -22.05 -1.40
C ASN A 83 2.51 -20.89 -2.05
N ARG A 84 2.97 -19.69 -1.73
CA ARG A 84 2.34 -18.51 -2.36
C ARG A 84 3.13 -18.06 -3.61
N THR A 85 3.27 -18.99 -4.55
CA THR A 85 4.14 -18.88 -5.70
C THR A 85 3.57 -17.85 -6.69
N GLU A 86 2.26 -17.77 -6.88
N GLU A 86 2.25 -17.85 -6.87
CA GLU A 86 1.72 -16.75 -7.76
CA GLU A 86 1.57 -16.85 -7.67
C GLU A 86 1.81 -15.34 -7.17
C GLU A 86 1.92 -15.44 -7.16
N LEU A 87 1.68 -15.26 -5.86
CA LEU A 87 1.87 -14.00 -5.16
C LEU A 87 3.34 -13.55 -5.33
N LEU A 88 4.31 -14.47 -5.12
CA LEU A 88 5.68 -14.10 -5.28
C LEU A 88 6.01 -13.59 -6.73
N SER A 89 5.49 -14.29 -7.75
N SER A 89 5.54 -14.28 -7.75
CA SER A 89 5.71 -13.92 -9.14
CA SER A 89 5.86 -13.86 -9.09
C SER A 89 5.08 -12.56 -9.39
C SER A 89 5.12 -12.52 -9.36
N TYR A 90 3.91 -12.31 -8.82
CA TYR A 90 3.22 -11.07 -9.00
C TYR A 90 4.09 -9.92 -8.31
N MET A 91 4.65 -10.23 -7.16
CA MET A 91 5.45 -9.27 -6.45
C MET A 91 6.64 -8.86 -7.24
N LYS A 92 7.28 -9.84 -7.90
CA LYS A 92 8.47 -9.58 -8.71
C LYS A 92 8.13 -8.61 -9.81
N GLU A 93 6.90 -8.68 -10.33
CA GLU A 93 6.49 -7.84 -11.49
C GLU A 93 5.91 -6.46 -11.03
N TYR A 94 5.09 -6.45 -9.96
CA TYR A 94 4.35 -5.29 -9.53
C TYR A 94 4.79 -4.68 -8.20
N TRP A 95 5.65 -5.36 -7.46
CA TRP A 95 6.31 -4.77 -6.26
C TRP A 95 7.88 -4.86 -6.41
N PRO A 96 8.40 -4.42 -7.59
CA PRO A 96 9.82 -4.43 -7.74
C PRO A 96 10.56 -3.39 -6.90
N ASP A 97 11.79 -3.72 -6.53
CA ASP A 97 12.76 -2.72 -6.16
C ASP A 97 13.36 -2.18 -7.52
N TYR A 98 13.33 -0.87 -7.69
CA TYR A 98 13.83 -0.26 -8.96
C TYR A 98 15.22 -0.67 -9.37
N GLU A 99 16.05 -0.98 -8.38
CA GLU A 99 17.44 -1.31 -8.64
C GLU A 99 17.64 -2.65 -9.30
N GLY A 100 16.71 -3.55 -9.05
CA GLY A 100 16.69 -4.82 -9.78
C GLY A 100 16.12 -5.88 -8.88
N ALA A 101 15.80 -7.02 -9.47
CA ALA A 101 15.14 -8.12 -8.78
C ALA A 101 15.96 -8.60 -7.58
N ASP A 102 17.28 -8.50 -7.68
CA ASP A 102 18.13 -8.99 -6.58
C ASP A 102 17.94 -8.15 -5.32
N GLU A 103 17.39 -6.92 -5.47
CA GLU A 103 17.09 -6.08 -4.32
C GLU A 103 15.64 -6.18 -3.83
N ASP A 104 14.82 -6.99 -4.52
CA ASP A 104 13.44 -7.16 -4.11
C ASP A 104 13.36 -7.66 -2.66
N GLU A 105 14.15 -8.67 -2.28
CA GLU A 105 14.07 -9.30 -0.95
C GLU A 105 14.27 -8.22 0.14
N SER A 106 15.32 -7.37 0.00
N SER A 106 15.31 -7.38 -0.01
CA SER A 106 15.60 -6.39 1.05
CA SER A 106 15.62 -6.36 1.02
C SER A 106 14.45 -5.39 1.10
C SER A 106 14.52 -5.28 1.07
N PHE A 107 13.87 -5.01 -0.05
CA PHE A 107 12.73 -4.05 -0.08
C PHE A 107 11.52 -4.64 0.67
N TRP A 108 11.22 -5.91 0.37
CA TRP A 108 10.05 -6.53 1.04
C TRP A 108 10.27 -6.73 2.51
N GLU A 109 11.50 -7.10 2.87
CA GLU A 109 11.85 -7.14 4.30
C GLU A 109 11.55 -5.75 4.92
N HIS A 110 12.03 -4.71 4.28
CA HIS A 110 11.85 -3.31 4.80
C HIS A 110 10.40 -3.00 5.05
N GLU A 111 9.56 -3.25 4.03
CA GLU A 111 8.15 -2.99 4.18
C GLU A 111 7.46 -3.79 5.32
N TRP A 112 7.71 -5.09 5.39
CA TRP A 112 7.13 -5.91 6.49
C TRP A 112 7.73 -5.39 7.83
N ASN A 113 9.06 -5.35 7.94
CA ASN A 113 9.70 -4.99 9.19
C ASN A 113 9.26 -3.63 9.72
N LYS A 114 9.23 -2.66 8.85
CA LYS A 114 8.93 -1.31 9.24
C LYS A 114 7.46 -1.11 9.49
N HIS A 115 6.64 -1.57 8.58
CA HIS A 115 5.25 -1.20 8.62
C HIS A 115 4.27 -2.35 8.96
N GLY A 116 4.48 -3.51 8.38
CA GLY A 116 3.61 -4.67 8.62
C GLY A 116 3.56 -5.00 10.11
N THR A 117 4.71 -4.92 10.78
CA THR A 117 4.74 -5.21 12.22
C THR A 117 3.97 -4.23 13.04
N CYS A 118 3.51 -3.09 12.45
CA CYS A 118 2.80 -2.07 13.19
C CYS A 118 1.30 -2.13 12.97
N ILE A 119 0.84 -3.09 12.20
CA ILE A 119 -0.59 -3.28 11.91
C ILE A 119 -1.12 -4.18 13.06
N ASN A 120 -1.80 -3.58 14.02
CA ASN A 120 -2.16 -4.37 15.25
C ASN A 120 -3.05 -5.54 15.02
N THR A 121 -3.91 -5.47 14.00
CA THR A 121 -4.86 -6.51 13.79
C THR A 121 -4.32 -7.78 13.06
N ILE A 122 -3.03 -7.78 12.77
N ILE A 122 -3.10 -7.76 12.61
CA ILE A 122 -2.31 -8.81 11.98
CA ILE A 122 -2.49 -8.97 12.10
C ILE A 122 -1.54 -9.78 12.93
C ILE A 122 -1.36 -9.16 13.13
N GLU A 123 -1.49 -9.45 14.21
N GLU A 123 -1.74 -9.90 14.12
CA GLU A 123 -0.65 -10.22 15.12
CA GLU A 123 -0.88 -10.32 15.18
C GLU A 123 -1.11 -11.69 15.19
C GLU A 123 -1.17 -11.79 15.16
N PRO A 124 -0.19 -12.61 15.52
CA PRO A 124 -0.52 -14.01 15.61
C PRO A 124 -1.72 -14.38 16.47
N SER A 125 -1.92 -13.62 17.55
N SER A 125 -1.97 -13.65 17.57
CA SER A 125 -3.03 -13.81 18.44
CA SER A 125 -3.16 -13.91 18.39
C SER A 125 -4.41 -13.53 17.82
C SER A 125 -4.47 -13.72 17.68
N CYS A 126 -4.46 -12.99 16.58
CA CYS A 126 -5.68 -12.72 15.82
C CYS A 126 -6.00 -13.87 14.85
N TYR A 127 -5.25 -14.98 14.97
CA TYR A 127 -5.45 -16.14 14.09
C TYR A 127 -6.09 -17.31 14.87
N THR A 128 -6.92 -18.07 14.18
CA THR A 128 -7.16 -19.45 14.51
C THR A 128 -6.21 -20.41 13.82
N ASP A 129 -5.72 -21.38 14.56
CA ASP A 129 -4.79 -22.35 14.03
C ASP A 129 -3.60 -21.64 13.32
N TYR A 130 -3.05 -20.63 14.00
CA TYR A 130 -1.89 -19.87 13.50
C TYR A 130 -0.79 -20.84 13.18
N TYR A 131 -0.10 -20.61 12.08
CA TYR A 131 1.20 -21.28 11.86
C TYR A 131 2.31 -20.21 11.68
N ALA A 132 3.56 -20.55 12.02
CA ALA A 132 4.66 -19.53 12.06
C ALA A 132 4.72 -18.70 10.76
N GLN A 133 4.70 -17.38 10.94
CA GLN A 133 4.77 -16.35 9.89
C GLN A 133 3.60 -16.31 8.93
N GLU A 134 2.47 -16.91 9.34
CA GLU A 134 1.27 -16.87 8.48
C GLU A 134 0.89 -15.44 8.16
N GLU A 135 0.95 -14.58 9.16
CA GLU A 135 0.56 -13.16 8.98
C GLU A 135 1.46 -12.38 8.00
N VAL A 136 2.74 -12.78 7.90
CA VAL A 136 3.65 -12.19 6.94
C VAL A 136 3.13 -12.43 5.52
N GLY A 137 2.87 -13.70 5.14
CA GLY A 137 2.29 -14.01 3.86
C GLY A 137 0.91 -13.38 3.58
N ASP A 138 0.07 -13.39 4.61
CA ASP A 138 -1.23 -12.75 4.54
C ASP A 138 -1.12 -11.24 4.26
N PHE A 139 -0.11 -10.60 4.85
CA PHE A 139 0.07 -9.16 4.70
C PHE A 139 0.44 -8.88 3.21
N PHE A 140 1.34 -9.62 2.68
CA PHE A 140 1.75 -9.40 1.26
C PHE A 140 0.62 -9.62 0.30
N GLN A 141 -0.16 -10.65 0.57
CA GLN A 141 -1.40 -10.88 -0.24
C GLN A 141 -2.39 -9.73 -0.11
N GLN A 142 -2.62 -9.21 1.09
CA GLN A 142 -3.58 -8.08 1.30
C GLN A 142 -3.12 -6.81 0.56
N VAL A 143 -1.81 -6.49 0.62
CA VAL A 143 -1.30 -5.34 -0.12
C VAL A 143 -1.63 -5.45 -1.60
N VAL A 144 -1.37 -6.64 -2.12
CA VAL A 144 -1.58 -6.88 -3.53
C VAL A 144 -3.06 -6.75 -3.84
N ASP A 145 -3.90 -7.32 -2.97
CA ASP A 145 -5.33 -7.27 -3.22
C ASP A 145 -5.84 -5.84 -3.25
N LEU A 146 -5.35 -5.00 -2.36
N LEU A 146 -5.35 -4.99 -2.34
CA LEU A 146 -5.79 -3.61 -2.35
CA LEU A 146 -5.77 -3.56 -2.32
C LEU A 146 -5.24 -2.84 -3.57
C LEU A 146 -5.23 -2.80 -3.54
N PHE A 147 -3.96 -3.02 -3.81
CA PHE A 147 -3.31 -2.44 -5.00
C PHE A 147 -4.09 -2.71 -6.24
N LYS A 148 -4.55 -3.94 -6.42
CA LYS A 148 -5.31 -4.30 -7.64
C LYS A 148 -6.56 -3.44 -7.84
N THR A 149 -7.08 -2.89 -6.76
CA THR A 149 -8.27 -2.10 -6.87
C THR A 149 -7.96 -0.61 -7.18
N LEU A 150 -6.67 -0.25 -7.25
CA LEU A 150 -6.25 1.16 -7.29
C LEU A 150 -5.32 1.35 -8.51
N ASP A 151 -5.91 1.12 -9.70
CA ASP A 151 -5.14 1.20 -10.98
C ASP A 151 -5.04 2.70 -11.35
N SER A 152 -3.99 3.32 -10.81
CA SER A 152 -3.67 4.71 -10.99
C SER A 152 -3.44 5.03 -12.48
N TYR A 153 -2.68 4.19 -13.19
CA TYR A 153 -2.40 4.50 -14.57
C TYR A 153 -3.73 4.60 -15.39
N THR A 154 -4.66 3.65 -15.20
CA THR A 154 -5.92 3.70 -15.96
C THR A 154 -6.73 4.90 -15.53
N ALA A 155 -6.80 5.17 -14.23
CA ALA A 155 -7.60 6.30 -13.77
C ALA A 155 -7.09 7.61 -14.38
N LEU A 156 -5.78 7.76 -14.48
CA LEU A 156 -5.19 8.91 -15.07
C LEU A 156 -5.42 8.97 -16.57
N SER A 157 -5.25 7.86 -17.22
CA SER A 157 -5.43 7.77 -18.62
C SER A 157 -6.85 8.13 -19.06
N ASP A 158 -7.81 7.69 -18.27
CA ASP A 158 -9.20 7.92 -18.56
C ASP A 158 -9.56 9.38 -18.49
N ALA A 159 -8.74 10.15 -17.78
CA ALA A 159 -8.87 11.58 -17.63
C ALA A 159 -7.94 12.33 -18.56
N GLY A 160 -7.41 11.66 -19.59
CA GLY A 160 -6.54 12.30 -20.58
C GLY A 160 -5.11 12.55 -20.06
N ILE A 161 -4.69 11.86 -18.98
CA ILE A 161 -3.35 12.13 -18.39
C ILE A 161 -2.46 10.85 -18.58
N THR A 162 -1.52 10.95 -19.51
CA THR A 162 -0.71 9.82 -19.91
C THR A 162 0.72 10.28 -19.94
N PRO A 163 1.66 9.35 -19.67
CA PRO A 163 3.04 9.77 -19.67
C PRO A 163 3.42 10.39 -21.02
N SER A 164 4.23 11.43 -20.96
N SER A 164 4.32 11.34 -20.98
CA SER A 164 4.66 12.24 -22.17
CA SER A 164 4.75 12.03 -22.20
C SER A 164 6.02 12.88 -21.96
C SER A 164 6.02 12.84 -21.98
N GLU A 165 6.80 12.91 -23.04
CA GLU A 165 8.10 13.59 -23.04
C GLU A 165 7.87 15.11 -22.97
N ASP A 166 6.76 15.60 -23.54
CA ASP A 166 6.51 17.08 -23.63
C ASP A 166 5.33 17.66 -22.89
N ALA A 167 4.24 16.94 -22.84
CA ALA A 167 3.06 17.43 -22.09
C ALA A 167 3.36 17.59 -20.61
N THR A 168 2.74 18.60 -20.00
CA THR A 168 2.81 18.71 -18.55
C THR A 168 1.43 18.89 -18.00
N TYR A 169 1.29 18.70 -16.69
CA TYR A 169 -0.02 18.50 -16.10
C TYR A 169 -0.30 19.32 -14.85
N LYS A 170 -1.59 19.49 -14.61
CA LYS A 170 -2.03 20.23 -13.44
C LYS A 170 -2.30 19.29 -12.25
N LEU A 171 -1.87 19.69 -11.06
CA LEU A 171 -2.13 18.92 -9.91
C LEU A 171 -3.56 18.56 -9.72
N SER A 172 -4.43 19.56 -9.90
CA SER A 172 -5.83 19.33 -9.54
C SER A 172 -6.44 18.35 -10.51
N ASP A 173 -5.94 18.29 -11.75
CA ASP A 173 -6.47 17.32 -12.71
C ASP A 173 -6.04 15.89 -12.28
N ILE A 174 -4.80 15.81 -11.80
CA ILE A 174 -4.19 14.50 -11.34
C ILE A 174 -4.97 14.02 -10.15
N GLU A 175 -5.19 14.91 -9.20
CA GLU A 175 -5.97 14.64 -8.01
C GLU A 175 -7.44 14.20 -8.32
N ASP A 176 -8.10 14.86 -9.27
CA ASP A 176 -9.50 14.59 -9.52
C ASP A 176 -9.58 13.23 -10.16
N ALA A 177 -8.65 12.95 -11.09
CA ALA A 177 -8.61 11.70 -11.87
C ALA A 177 -8.50 10.49 -10.92
N LEU A 178 -7.72 10.67 -9.86
CA LEU A 178 -7.38 9.55 -8.94
C LEU A 178 -8.44 9.46 -7.86
N ALA A 179 -9.01 10.60 -7.49
CA ALA A 179 -10.13 10.62 -6.58
C ALA A 179 -11.30 9.78 -7.08
N ALA A 180 -11.46 9.72 -8.42
CA ALA A 180 -12.56 8.99 -9.10
C ALA A 180 -12.49 7.50 -8.82
N ILE A 181 -11.31 6.99 -8.50
CA ILE A 181 -11.20 5.55 -8.13
C ILE A 181 -11.13 5.31 -6.60
N HIS A 182 -11.43 6.36 -5.83
CA HIS A 182 -11.19 6.37 -4.39
C HIS A 182 -12.29 7.14 -3.71
N ASP A 183 -13.52 6.99 -4.22
N ASP A 183 -13.51 6.97 -4.23
CA ASP A 183 -14.71 7.56 -3.63
CA ASP A 183 -14.71 7.57 -3.65
C ASP A 183 -14.73 9.08 -3.53
C ASP A 183 -14.65 9.07 -3.47
N GLY A 184 -14.00 9.77 -4.39
CA GLY A 184 -13.96 11.23 -4.32
C GLY A 184 -12.88 11.81 -3.39
N TYR A 185 -12.14 10.93 -2.69
CA TYR A 185 -10.98 11.34 -1.92
C TYR A 185 -9.68 11.17 -2.73
N PRO A 186 -9.01 12.27 -3.05
CA PRO A 186 -7.75 12.17 -3.71
C PRO A 186 -6.68 11.52 -2.85
N PRO A 187 -5.72 10.83 -3.48
CA PRO A 187 -4.55 10.38 -2.71
C PRO A 187 -3.63 11.56 -2.38
N TYR A 188 -2.69 11.37 -1.46
CA TYR A 188 -1.43 12.13 -1.52
C TYR A 188 -0.76 11.92 -2.89
N VAL A 189 -0.35 13.03 -3.52
CA VAL A 189 0.36 13.07 -4.79
C VAL A 189 1.77 13.62 -4.54
N GLY A 190 2.76 12.75 -4.74
CA GLY A 190 4.20 13.07 -4.55
C GLY A 190 4.93 13.19 -5.86
N CYS A 191 5.70 14.29 -5.98
CA CYS A 191 6.53 14.55 -7.15
C CYS A 191 8.00 14.49 -6.74
N GLU A 192 8.85 14.22 -7.74
CA GLU A 192 10.31 14.26 -7.57
C GLU A 192 10.85 14.97 -8.79
N ASP A 193 11.60 16.01 -8.55
CA ASP A 193 12.29 16.74 -9.59
C ASP A 193 11.17 17.24 -10.57
N GLY A 194 10.04 17.69 -10.04
CA GLY A 194 8.91 18.07 -10.89
C GLY A 194 8.20 16.99 -11.70
N ALA A 195 8.49 15.72 -11.40
CA ALA A 195 7.90 14.57 -12.04
C ALA A 195 7.00 13.76 -11.05
N LEU A 196 5.87 13.33 -11.58
CA LEU A 196 4.96 12.56 -10.81
C LEU A 196 5.69 11.22 -10.45
N SER A 197 5.62 10.87 -9.19
CA SER A 197 6.47 9.85 -8.59
C SER A 197 5.83 8.90 -7.56
N GLN A 198 4.98 9.41 -6.69
CA GLN A 198 4.44 8.59 -5.57
C GLN A 198 2.96 8.94 -5.37
N LEU A 199 2.19 7.97 -4.92
CA LEU A 199 0.79 8.15 -4.50
C LEU A 199 0.55 7.43 -3.20
N TYR A 200 -0.17 8.10 -2.27
CA TYR A 200 -0.69 7.40 -1.05
C TYR A 200 -2.19 7.48 -1.03
N TYR A 201 -2.83 6.32 -1.16
CA TYR A 201 -4.28 6.24 -0.99
C TYR A 201 -4.65 5.87 0.43
N TYR A 202 -5.43 6.74 1.08
CA TYR A 202 -5.75 6.56 2.52
C TYR A 202 -7.08 5.84 2.68
N PHE A 203 -7.12 4.97 3.68
CA PHE A 203 -8.33 4.23 4.06
C PHE A 203 -8.49 4.15 5.55
N ASN A 204 -9.73 4.03 5.93
CA ASN A 204 -10.05 3.51 7.26
C ASN A 204 -10.66 2.11 7.02
N VAL A 205 -10.72 1.32 8.10
CA VAL A 205 -10.93 -0.18 8.05
C VAL A 205 -12.01 -0.56 9.08
N LYS A 206 -12.97 -1.31 8.56
CA LYS A 206 -13.97 -2.01 9.36
C LYS A 206 -13.46 -3.44 9.52
N GLY A 207 -13.15 -3.84 10.75
CA GLY A 207 -12.66 -5.14 11.04
C GLY A 207 -11.12 -5.27 10.94
N SER A 208 -10.65 -6.41 10.47
CA SER A 208 -9.23 -6.70 10.47
C SER A 208 -8.58 -6.07 9.25
N ALA A 209 -7.32 -5.67 9.39
CA ALA A 209 -6.55 -5.22 8.20
C ALA A 209 -6.44 -6.35 7.18
N ILE A 210 -6.49 -7.62 7.59
CA ILE A 210 -6.60 -8.73 6.59
C ILE A 210 -8.05 -9.12 6.42
N GLY A 211 -8.60 -8.86 5.27
CA GLY A 211 -9.97 -9.25 5.04
C GLY A 211 -11.04 -8.28 5.45
N GLY A 212 -10.72 -7.21 6.17
CA GLY A 212 -11.76 -6.26 6.51
C GLY A 212 -12.14 -5.32 5.38
N THR A 213 -13.10 -4.44 5.63
CA THR A 213 -13.57 -3.51 4.60
C THR A 213 -12.79 -2.26 4.66
N TYR A 214 -12.14 -1.98 3.54
CA TYR A 214 -11.30 -0.80 3.41
C TYR A 214 -12.16 0.32 2.83
N VAL A 215 -12.34 1.39 3.61
CA VAL A 215 -13.22 2.55 3.25
C VAL A 215 -12.34 3.73 2.90
N ALA A 216 -12.49 4.24 1.65
CA ALA A 216 -11.69 5.34 1.15
C ALA A 216 -11.80 6.48 2.10
N SER A 217 -10.68 7.04 2.53
CA SER A 217 -10.74 8.18 3.46
C SER A 217 -9.88 9.37 3.06
N GLU A 218 -10.04 10.44 3.81
CA GLU A 218 -9.35 11.67 3.48
C GLU A 218 -7.80 11.58 3.69
N ARG A 219 -7.05 12.09 2.72
CA ARG A 219 -5.61 12.14 2.88
C ARG A 219 -5.16 12.99 4.07
N LEU A 220 -4.15 12.50 4.76
CA LEU A 220 -3.60 13.24 5.92
C LEU A 220 -2.34 14.10 5.53
N GLU A 221 -1.93 14.03 4.26
CA GLU A 221 -0.84 14.85 3.70
C GLU A 221 -1.32 15.14 2.27
N ASP A 222 -1.15 16.37 1.73
N ASP A 222 -1.08 16.34 1.75
CA ASP A 222 -1.79 16.70 0.41
CA ASP A 222 -1.73 16.77 0.50
C ASP A 222 -0.93 16.42 -0.84
C ASP A 222 -0.95 16.47 -0.81
N SER A 223 0.18 17.11 -0.93
CA SER A 223 1.03 16.96 -2.07
C SER A 223 2.23 17.79 -1.85
N ASN A 224 3.33 17.38 -2.43
CA ASN A 224 4.50 18.26 -2.48
C ASN A 224 4.78 18.70 -3.90
N CYS A 225 3.82 18.54 -4.82
CA CYS A 225 4.01 18.97 -6.17
C CYS A 225 3.63 20.50 -6.32
N LYS A 226 4.16 21.11 -7.37
CA LYS A 226 3.67 22.43 -7.84
C LYS A 226 2.31 22.23 -8.47
N ASP A 227 1.59 23.35 -8.65
CA ASP A 227 0.23 23.30 -9.04
C ASP A 227 0.10 22.94 -10.47
N SER A 228 1.16 23.17 -11.24
CA SER A 228 1.12 22.94 -12.64
C SER A 228 2.56 22.70 -13.09
N GLY A 229 2.75 22.31 -14.34
CA GLY A 229 4.05 22.06 -14.90
C GLY A 229 4.54 20.64 -14.59
N ILE A 230 3.66 19.80 -14.07
CA ILE A 230 4.07 18.43 -13.57
C ILE A 230 4.34 17.49 -14.75
N LYS A 231 5.50 16.87 -14.74
CA LYS A 231 5.86 15.93 -15.76
C LYS A 231 5.45 14.51 -15.37
N TYR A 232 5.08 13.68 -16.35
CA TYR A 232 4.68 12.31 -16.15
C TYR A 232 5.58 11.53 -17.08
N PRO A 233 6.81 11.25 -16.62
CA PRO A 233 7.78 10.75 -17.63
C PRO A 233 7.51 9.35 -18.16
N PRO A 234 7.65 9.12 -19.50
CA PRO A 234 7.39 7.80 -20.00
C PRO A 234 8.42 6.80 -19.48
N LYS A 235 7.97 5.61 -19.13
CA LYS A 235 8.91 4.55 -18.77
C LYS A 235 9.66 4.03 -20.01
N TYR A 236 10.90 3.55 -19.81
CA TYR A 236 11.70 2.90 -20.86
C TYR A 236 11.86 3.84 -22.07
N SER A 237 12.06 5.12 -21.80
N SER A 237 12.05 5.12 -21.80
CA SER A 237 11.79 6.13 -22.85
CA SER A 237 11.84 6.15 -22.82
C SER A 237 12.76 6.17 -24.02
C SER A 237 12.77 6.05 -24.02
#